data_6UAT
#
_entry.id   6UAT
#
_cell.length_a   38.458
_cell.length_b   79.138
_cell.length_c   46.779
_cell.angle_alpha   90.000
_cell.angle_beta   102.130
_cell.angle_gamma   90.000
#
_symmetry.space_group_name_H-M   'P 1 21 1'
#
loop_
_entity.id
_entity.type
_entity.pdbx_description
1 polymer 'Glyco_hydro_cc domain-containing protein'
2 branched beta-D-glucopyranose-(1-3)-beta-D-glucopyranose-(1-3)-beta-D-glucopyranose-(1-3)-beta-D-glucopyranose-(1-3)-beta-D-glucopyranose
3 non-polymer 'ZINC ION'
4 water water
#
_entity_poly.entity_id   1
_entity_poly.type   'polypeptide(L)'
_entity_poly.pdbx_seq_one_letter_code
;MGSSHHHHHHSSGLVPAGSHMAGTKKGVSAAAFSGVTAALGDVGARWFYTWAADPQGITAPAGTEFVPMIWGRDSVTADQ
LQRAKAAGSTLLAFNAPDLAGQANMSVETALDLWPQLQATGMRLGAPAVAYGGDTPGGWLDRFMSGAAARGYRVDFIPLH
WYGGDFSAAATGQLQSYLQAVYNRYHRPIWLTEYALTDFSGSTPRYPSAAEQADFVSRSTAMLNGLSFVERYAWFSLSTS
TTPTGLYTGTTPNSSGVAYRAAG
;
_entity_poly.pdbx_strand_id   A
#
loop_
_chem_comp.id
_chem_comp.type
_chem_comp.name
_chem_comp.formula
BGC D-saccharide, beta linking beta-D-glucopyranose 'C6 H12 O6'
ZN non-polymer 'ZINC ION' 'Zn 2'
#
# COMPACT_ATOMS: atom_id res chain seq x y z
N GLY A 23 -15.64 7.97 -1.37
CA GLY A 23 -16.33 6.74 -1.85
C GLY A 23 -15.37 5.61 -2.17
N THR A 24 -14.68 5.69 -3.30
CA THR A 24 -13.99 4.52 -3.90
C THR A 24 -12.53 4.29 -3.40
N LYS A 25 -11.83 5.25 -2.79
CA LYS A 25 -10.33 5.17 -2.64
C LYS A 25 -9.86 4.38 -1.42
N LYS A 26 -10.61 4.49 -0.32
CA LYS A 26 -10.18 4.18 1.05
C LYS A 26 -10.12 2.67 1.23
N GLY A 27 -8.95 2.16 1.58
CA GLY A 27 -8.73 0.73 1.92
C GLY A 27 -7.84 0.55 3.13
N VAL A 28 -7.43 -0.70 3.39
CA VAL A 28 -6.56 -1.00 4.54
C VAL A 28 -5.80 -2.28 4.26
N SER A 29 -4.63 -2.39 4.87
CA SER A 29 -3.92 -3.69 5.03
C SER A 29 -4.58 -4.44 6.18
N ALA A 30 -4.56 -5.77 6.22
CA ALA A 30 -5.27 -6.49 7.28
C ALA A 30 -4.68 -7.90 7.45
N ALA A 31 -4.93 -8.47 8.63
CA ALA A 31 -4.56 -9.85 9.01
C ALA A 31 -5.73 -10.49 9.76
N ALA A 32 -5.86 -11.82 9.74
CA ALA A 32 -7.01 -12.51 10.41
C ALA A 32 -6.85 -12.30 11.92
N PHE A 33 -7.91 -11.83 12.54
CA PHE A 33 -8.04 -11.69 14.01
C PHE A 33 -9.53 -11.84 14.20
N SER A 34 -9.93 -12.23 15.41
CA SER A 34 -11.33 -12.21 15.86
C SER A 34 -11.94 -10.82 15.57
N GLY A 35 -13.01 -10.73 14.76
CA GLY A 35 -13.71 -9.47 14.43
C GLY A 35 -13.22 -8.73 13.18
N VAL A 36 -12.22 -9.26 12.45
CA VAL A 36 -11.70 -8.58 11.20
C VAL A 36 -12.87 -8.25 10.26
N THR A 37 -13.80 -9.16 10.08
CA THR A 37 -14.87 -8.94 9.08
C THR A 37 -15.65 -7.70 9.52
N ALA A 38 -16.09 -7.66 10.79
CA ALA A 38 -16.89 -6.51 11.30
C ALA A 38 -16.06 -5.23 11.24
N ALA A 39 -14.76 -5.30 11.51
CA ALA A 39 -13.89 -4.10 11.52
C ALA A 39 -13.86 -3.50 10.11
N LEU A 40 -13.63 -4.33 9.11
CA LEU A 40 -13.57 -3.91 7.67
C LEU A 40 -14.90 -3.27 7.30
N GLY A 41 -16.00 -3.93 7.70
CA GLY A 41 -17.35 -3.38 7.44
C GLY A 41 -17.58 -2.03 8.09
N ASP A 42 -17.28 -1.91 9.38
CA ASP A 42 -17.59 -0.70 10.18
C ASP A 42 -16.72 0.47 9.69
N VAL A 43 -15.46 0.22 9.31
CA VAL A 43 -14.58 1.38 8.93
C VAL A 43 -14.92 1.89 7.51
N GLY A 44 -15.70 1.08 6.76
CA GLY A 44 -16.11 1.43 5.40
C GLY A 44 -14.99 1.22 4.39
N ALA A 45 -14.17 0.19 4.55
CA ALA A 45 -13.11 -0.09 3.55
C ALA A 45 -13.76 -0.56 2.23
N ARG A 46 -13.42 0.07 1.11
CA ARG A 46 -13.89 -0.38 -0.22
C ARG A 46 -13.00 -1.54 -0.72
N TRP A 47 -11.78 -1.61 -0.22
CA TRP A 47 -10.81 -2.70 -0.58
C TRP A 47 -9.81 -2.97 0.54
N PHE A 48 -9.12 -4.11 0.43
CA PHE A 48 -8.09 -4.55 1.39
C PHE A 48 -7.10 -5.49 0.69
N TYR A 49 -5.91 -5.67 1.29
CA TYR A 49 -4.85 -6.62 0.90
C TYR A 49 -4.19 -7.16 2.17
N THR A 50 -3.50 -8.30 2.01
CA THR A 50 -2.95 -9.12 3.13
C THR A 50 -1.43 -9.32 2.99
N TRP A 51 -0.79 -8.77 1.93
CA TRP A 51 0.62 -9.01 1.52
C TRP A 51 0.78 -10.44 0.97
N ALA A 52 -0.32 -11.15 0.68
CA ALA A 52 -0.32 -12.54 0.11
C ALA A 52 -1.27 -12.63 -1.10
N ALA A 53 -1.30 -13.81 -1.74
CA ALA A 53 -1.99 -14.08 -3.03
C ALA A 53 -3.48 -14.36 -2.80
N ASP A 54 -3.92 -14.46 -1.55
CA ASP A 54 -5.34 -14.72 -1.15
C ASP A 54 -5.59 -14.09 0.22
N PRO A 55 -6.85 -14.02 0.69
CA PRO A 55 -7.21 -13.31 1.92
C PRO A 55 -6.72 -13.86 3.28
N GLN A 56 -5.98 -14.96 3.29
CA GLN A 56 -5.31 -15.49 4.50
C GLN A 56 -6.37 -15.68 5.59
N GLY A 57 -7.52 -16.23 5.25
CA GLY A 57 -8.57 -16.65 6.21
C GLY A 57 -9.60 -15.56 6.49
N ILE A 58 -9.49 -14.38 5.89
CA ILE A 58 -10.41 -13.23 6.18
C ILE A 58 -11.61 -13.40 5.29
N THR A 59 -12.83 -13.38 5.82
CA THR A 59 -14.09 -13.26 5.05
C THR A 59 -14.40 -11.77 4.88
N ALA A 60 -14.36 -11.27 3.65
CA ALA A 60 -14.61 -9.86 3.31
C ALA A 60 -16.08 -9.54 3.51
N PRO A 61 -16.41 -8.34 4.03
CA PRO A 61 -17.77 -7.85 3.97
C PRO A 61 -18.18 -7.62 2.51
N ALA A 62 -19.50 -7.54 2.27
CA ALA A 62 -20.03 -7.22 0.93
C ALA A 62 -19.61 -5.78 0.56
N GLY A 63 -19.15 -5.60 -0.68
CA GLY A 63 -18.69 -4.28 -1.19
C GLY A 63 -17.23 -4.05 -0.87
N THR A 64 -16.53 -5.05 -0.33
CA THR A 64 -15.10 -4.86 0.05
C THR A 64 -14.22 -5.75 -0.83
N GLU A 65 -13.43 -5.13 -1.71
CA GLU A 65 -12.66 -5.87 -2.76
C GLU A 65 -11.29 -6.30 -2.21
N PHE A 66 -10.98 -7.60 -2.22
CA PHE A 66 -9.61 -8.15 -2.02
C PHE A 66 -8.73 -7.91 -3.25
N VAL A 67 -7.47 -7.50 -3.02
CA VAL A 67 -6.46 -7.25 -4.09
C VAL A 67 -5.27 -8.15 -3.77
N PRO A 68 -4.96 -9.20 -4.57
CA PRO A 68 -3.80 -10.05 -4.30
C PRO A 68 -2.44 -9.35 -4.47
N MET A 69 -1.43 -9.87 -3.77
CA MET A 69 0.00 -9.44 -3.83
C MET A 69 0.90 -10.64 -4.13
N ILE A 70 1.84 -10.44 -5.06
CA ILE A 70 3.02 -11.33 -5.27
C ILE A 70 4.22 -10.67 -4.54
N TRP A 71 4.59 -11.20 -3.37
CA TRP A 71 5.37 -10.48 -2.31
C TRP A 71 6.85 -10.37 -2.73
N GLY A 72 7.44 -11.48 -3.15
CA GLY A 72 8.90 -11.64 -3.40
C GLY A 72 9.19 -12.65 -4.49
N ARG A 73 10.48 -12.90 -4.72
CA ARG A 73 10.99 -13.82 -5.76
C ARG A 73 10.31 -15.19 -5.62
N ASP A 74 10.24 -15.78 -4.43
CA ASP A 74 9.79 -17.18 -4.29
C ASP A 74 8.25 -17.17 -4.31
N SER A 75 7.62 -16.00 -4.45
CA SER A 75 6.13 -15.87 -4.52
C SER A 75 5.69 -16.18 -5.95
N VAL A 76 6.61 -16.21 -6.91
CA VAL A 76 6.32 -16.30 -8.37
C VAL A 76 6.37 -17.76 -8.82
N THR A 77 5.23 -18.45 -8.70
CA THR A 77 4.96 -19.83 -9.20
C THR A 77 3.60 -19.81 -9.90
N ALA A 78 3.37 -20.79 -10.78
CA ALA A 78 2.10 -21.05 -11.50
C ALA A 78 0.93 -21.02 -10.52
N ASP A 79 1.12 -21.74 -9.41
CA ASP A 79 0.08 -22.00 -8.38
C ASP A 79 -0.30 -20.67 -7.71
N GLN A 80 0.67 -19.81 -7.42
CA GLN A 80 0.37 -18.54 -6.73
C GLN A 80 -0.29 -17.60 -7.73
N LEU A 81 0.16 -17.63 -8.97
CA LEU A 81 -0.34 -16.69 -10.01
C LEU A 81 -1.81 -17.05 -10.34
N GLN A 82 -2.13 -18.35 -10.36
CA GLN A 82 -3.51 -18.84 -10.60
C GLN A 82 -4.40 -18.54 -9.39
N ARG A 83 -3.90 -18.77 -8.18
CA ARG A 83 -4.57 -18.40 -6.91
C ARG A 83 -4.94 -16.90 -6.95
N ALA A 84 -3.97 -16.05 -7.22
CA ALA A 84 -4.18 -14.58 -7.28
C ALA A 84 -5.31 -14.25 -8.25
N LYS A 85 -5.26 -14.79 -9.47
CA LYS A 85 -6.24 -14.48 -10.55
C LYS A 85 -7.65 -14.93 -10.15
N ALA A 86 -7.81 -16.04 -9.42
CA ALA A 86 -9.13 -16.48 -8.90
C ALA A 86 -9.57 -15.60 -7.75
N ALA A 87 -8.64 -15.04 -6.97
CA ALA A 87 -8.98 -14.27 -5.76
C ALA A 87 -9.35 -12.82 -6.10
N GLY A 88 -8.95 -12.28 -7.24
CA GLY A 88 -9.28 -10.87 -7.56
C GLY A 88 -9.03 -10.52 -9.02
N SER A 89 -9.14 -9.24 -9.36
CA SER A 89 -8.92 -8.72 -10.74
C SER A 89 -7.70 -7.78 -10.83
N THR A 90 -7.16 -7.21 -9.74
CA THR A 90 -5.93 -6.35 -9.75
C THR A 90 -4.78 -7.03 -9.01
N LEU A 91 -3.54 -6.87 -9.49
CA LEU A 91 -2.33 -7.54 -8.94
C LEU A 91 -1.26 -6.52 -8.51
N LEU A 92 -0.85 -6.61 -7.24
CA LEU A 92 0.28 -5.88 -6.65
C LEU A 92 1.50 -6.79 -6.75
N ALA A 93 2.60 -6.23 -7.23
CA ALA A 93 3.94 -6.88 -7.32
C ALA A 93 4.72 -6.69 -6.00
N PHE A 94 6.06 -6.88 -6.03
CA PHE A 94 6.91 -7.19 -4.84
C PHE A 94 6.89 -6.06 -3.81
N ASN A 95 6.93 -6.48 -2.57
CA ASN A 95 6.88 -5.59 -1.37
C ASN A 95 8.31 -5.10 -1.00
N ALA A 96 8.60 -3.81 -1.18
CA ALA A 96 9.83 -3.16 -0.68
C ALA A 96 11.06 -3.97 -1.09
N PRO A 97 11.25 -4.14 -2.41
CA PRO A 97 12.39 -4.88 -2.92
C PRO A 97 13.71 -4.16 -2.60
N ASP A 98 13.63 -2.83 -2.35
CA ASP A 98 14.77 -1.96 -1.98
C ASP A 98 15.16 -2.12 -0.50
N LEU A 99 14.49 -2.92 0.33
CA LEU A 99 14.86 -3.17 1.75
C LEU A 99 15.38 -4.60 1.93
N ALA A 100 16.50 -4.70 2.65
CA ALA A 100 17.17 -5.97 2.97
C ALA A 100 16.22 -6.88 3.78
N GLY A 101 15.38 -6.29 4.62
CA GLY A 101 14.44 -7.00 5.53
C GLY A 101 13.12 -7.36 4.83
N GLN A 102 12.92 -6.95 3.58
CA GLN A 102 11.66 -7.26 2.84
C GLN A 102 11.98 -8.13 1.62
N ALA A 103 11.49 -7.77 0.44
CA ALA A 103 11.68 -8.60 -0.76
C ALA A 103 13.16 -8.66 -1.13
N ASN A 104 13.96 -7.63 -0.82
CA ASN A 104 15.44 -7.68 -0.98
C ASN A 104 15.85 -8.17 -2.39
N MET A 105 15.53 -7.42 -3.44
CA MET A 105 15.64 -7.90 -4.86
C MET A 105 16.28 -6.83 -5.74
N SER A 106 17.15 -7.23 -6.67
CA SER A 106 17.67 -6.34 -7.76
C SER A 106 16.57 -5.93 -8.76
N VAL A 107 16.68 -4.76 -9.37
CA VAL A 107 15.89 -4.36 -10.56
C VAL A 107 15.95 -5.49 -11.64
N GLU A 108 17.13 -6.07 -11.92
CA GLU A 108 17.27 -7.13 -12.94
C GLU A 108 16.44 -8.35 -12.53
N THR A 109 16.46 -8.82 -11.29
CA THR A 109 15.67 -10.04 -10.89
C THR A 109 14.17 -9.72 -11.08
N ALA A 110 13.76 -8.51 -10.71
CA ALA A 110 12.33 -8.12 -10.76
C ALA A 110 11.89 -8.04 -12.23
N LEU A 111 12.70 -7.44 -13.12
CA LEU A 111 12.41 -7.37 -14.56
C LEU A 111 12.34 -8.79 -15.15
N ASP A 112 13.25 -9.67 -14.75
CA ASP A 112 13.32 -11.01 -15.39
C ASP A 112 12.09 -11.84 -15.00
N LEU A 113 11.51 -11.68 -13.81
CA LEU A 113 10.28 -12.40 -13.38
C LEU A 113 9.01 -11.75 -13.96
N TRP A 114 9.07 -10.48 -14.39
CA TRP A 114 7.88 -9.66 -14.71
C TRP A 114 6.94 -10.32 -15.73
N PRO A 115 7.42 -10.88 -16.86
CA PRO A 115 6.54 -11.54 -17.82
C PRO A 115 5.55 -12.55 -17.23
N GLN A 116 5.92 -13.29 -16.18
CA GLN A 116 5.02 -14.26 -15.50
C GLN A 116 3.83 -13.51 -14.87
N LEU A 117 4.08 -12.35 -14.24
CA LEU A 117 3.00 -11.49 -13.62
C LEU A 117 2.15 -10.86 -14.73
N GLN A 118 2.81 -10.35 -15.80
CA GLN A 118 2.13 -9.73 -16.97
C GLN A 118 1.18 -10.75 -17.65
N ALA A 119 1.61 -12.01 -17.72
CA ALA A 119 0.89 -13.08 -18.43
C ALA A 119 -0.45 -13.40 -17.75
N THR A 120 -0.69 -12.95 -16.52
CA THR A 120 -2.01 -13.16 -15.86
C THR A 120 -3.07 -12.31 -16.56
N GLY A 121 -2.65 -11.20 -17.21
CA GLY A 121 -3.64 -10.31 -17.89
C GLY A 121 -4.34 -9.32 -16.96
N MET A 122 -4.06 -9.40 -15.65
CA MET A 122 -4.65 -8.56 -14.55
C MET A 122 -4.04 -7.15 -14.64
N ARG A 123 -4.82 -6.13 -14.31
CA ARG A 123 -4.31 -4.77 -14.03
C ARG A 123 -3.16 -4.93 -13.01
N LEU A 124 -1.96 -4.38 -13.33
CA LEU A 124 -0.66 -4.73 -12.70
C LEU A 124 0.02 -3.51 -12.09
N GLY A 125 0.31 -3.62 -10.81
CA GLY A 125 0.96 -2.56 -10.05
C GLY A 125 2.44 -2.82 -9.95
N ALA A 126 3.25 -1.79 -10.15
CA ALA A 126 4.73 -1.87 -9.94
C ALA A 126 5.09 -2.47 -8.59
N PRO A 127 6.31 -2.98 -8.41
CA PRO A 127 6.82 -3.22 -7.05
C PRO A 127 6.68 -1.95 -6.21
N ALA A 128 6.35 -2.09 -4.92
CA ALA A 128 6.18 -0.94 -4.00
C ALA A 128 7.52 -0.61 -3.28
N VAL A 129 8.21 0.45 -3.69
CA VAL A 129 9.49 0.85 -3.06
C VAL A 129 9.20 1.49 -1.67
N ALA A 130 10.12 1.26 -0.73
CA ALA A 130 10.14 1.88 0.62
C ALA A 130 10.37 3.40 0.49
N TYR A 131 11.32 3.84 -0.33
CA TYR A 131 11.59 5.29 -0.50
C TYR A 131 12.26 5.53 -1.84
N GLY A 132 12.41 6.81 -2.17
CA GLY A 132 13.27 7.27 -3.28
C GLY A 132 12.62 7.12 -4.64
N GLY A 133 11.29 7.09 -4.67
CA GLY A 133 10.56 6.76 -5.90
C GLY A 133 10.81 7.80 -6.98
N ASP A 134 11.03 9.03 -6.56
CA ASP A 134 11.28 10.13 -7.52
C ASP A 134 12.80 10.32 -7.79
N THR A 135 13.70 9.56 -7.16
CA THR A 135 15.18 9.79 -7.28
C THR A 135 15.71 9.26 -8.63
N PRO A 136 16.32 10.11 -9.47
CA PRO A 136 16.98 9.60 -10.67
C PRO A 136 18.08 8.60 -10.29
N GLY A 137 18.07 7.43 -10.91
CA GLY A 137 19.02 6.34 -10.62
C GLY A 137 18.58 5.48 -9.45
N GLY A 138 17.51 5.83 -8.72
CA GLY A 138 16.96 4.97 -7.65
C GLY A 138 16.36 3.68 -8.16
N TRP A 139 15.97 2.80 -7.24
CA TRP A 139 15.34 1.48 -7.54
C TRP A 139 14.15 1.60 -8.50
N LEU A 140 13.12 2.39 -8.15
CA LEU A 140 11.94 2.59 -9.02
C LEU A 140 12.35 3.15 -10.41
N ASP A 141 13.24 4.12 -10.48
CA ASP A 141 13.56 4.77 -11.78
C ASP A 141 14.23 3.78 -12.73
N ARG A 142 15.11 2.92 -12.23
CA ARG A 142 15.82 1.89 -13.05
C ARG A 142 14.79 0.81 -13.45
N PHE A 143 13.82 0.51 -12.58
CA PHE A 143 12.80 -0.54 -12.89
C PHE A 143 11.92 -0.02 -14.02
N MET A 144 11.39 1.18 -13.89
CA MET A 144 10.45 1.72 -14.90
C MET A 144 11.19 1.93 -16.24
N SER A 145 12.43 2.36 -16.18
CA SER A 145 13.27 2.65 -17.37
C SER A 145 13.51 1.34 -18.13
N GLY A 146 13.86 0.28 -17.40
CA GLY A 146 14.09 -1.07 -17.95
C GLY A 146 12.83 -1.71 -18.51
N ALA A 147 11.71 -1.60 -17.79
CA ALA A 147 10.39 -2.07 -18.29
C ALA A 147 10.06 -1.41 -19.62
N ALA A 148 10.22 -0.10 -19.76
CA ALA A 148 9.88 0.59 -21.00
C ALA A 148 10.80 0.06 -22.13
N ALA A 149 12.11 -0.10 -21.89
CA ALA A 149 13.05 -0.62 -22.91
C ALA A 149 12.67 -2.06 -23.30
N ARG A 150 12.06 -2.84 -22.42
CA ARG A 150 11.71 -4.24 -22.74
C ARG A 150 10.30 -4.30 -23.34
N GLY A 151 9.58 -3.17 -23.41
CA GLY A 151 8.18 -3.15 -23.91
C GLY A 151 7.18 -3.77 -22.93
N TYR A 152 7.52 -3.79 -21.62
CA TYR A 152 6.66 -4.37 -20.54
C TYR A 152 5.49 -3.41 -20.21
N ARG A 153 4.44 -3.96 -19.62
CA ARG A 153 3.25 -3.18 -19.14
C ARG A 153 3.35 -2.99 -17.63
N VAL A 154 3.23 -1.73 -17.19
CA VAL A 154 3.12 -1.37 -15.75
C VAL A 154 1.96 -0.40 -15.64
N ASP A 155 0.86 -0.83 -15.03
CA ASP A 155 -0.43 -0.09 -15.12
C ASP A 155 -0.46 1.06 -14.11
N PHE A 156 -0.01 0.81 -12.90
CA PHE A 156 -0.04 1.80 -11.79
C PHE A 156 1.18 1.58 -10.91
N ILE A 157 1.55 2.64 -10.19
CA ILE A 157 2.66 2.62 -9.18
C ILE A 157 2.12 2.74 -7.76
N PRO A 158 2.18 1.62 -6.99
CA PRO A 158 1.99 1.68 -5.55
C PRO A 158 3.25 2.19 -4.81
N LEU A 159 3.03 3.01 -3.76
CA LEU A 159 4.06 3.61 -2.87
C LEU A 159 3.80 3.34 -1.38
N HIS A 160 4.87 3.45 -0.61
CA HIS A 160 5.00 3.51 0.86
C HIS A 160 5.46 4.90 1.29
N TRP A 161 4.87 5.43 2.37
CA TRP A 161 5.31 6.71 2.99
C TRP A 161 5.09 6.72 4.49
N TYR A 162 6.17 6.96 5.25
CA TYR A 162 6.11 7.15 6.73
C TYR A 162 6.77 8.48 7.13
N GLY A 163 5.99 9.40 7.65
CA GLY A 163 6.42 10.75 8.08
C GLY A 163 6.99 10.78 9.49
N GLY A 164 8.12 11.49 9.64
CA GLY A 164 8.81 11.73 10.92
C GLY A 164 8.52 13.11 11.50
N ASP A 165 7.84 13.97 10.77
CA ASP A 165 7.45 15.33 11.21
C ASP A 165 5.98 15.22 11.60
N PHE A 166 5.69 15.26 12.89
CA PHE A 166 4.34 14.96 13.40
C PHE A 166 3.47 16.23 13.42
N SER A 167 3.89 17.36 12.88
CA SER A 167 3.05 18.59 12.78
C SER A 167 1.96 18.52 11.68
N ALA A 168 1.18 19.61 11.57
CA ALA A 168 0.14 19.86 10.54
C ALA A 168 0.81 19.86 9.17
N ALA A 169 2.12 20.08 9.09
CA ALA A 169 2.85 20.11 7.80
C ALA A 169 2.98 18.71 7.18
N ALA A 170 2.69 17.62 7.90
CA ALA A 170 2.96 16.26 7.40
C ALA A 170 2.19 15.97 6.09
N THR A 171 0.92 16.38 6.02
CA THR A 171 0.00 16.11 4.87
C THR A 171 0.61 16.73 3.59
N GLY A 172 1.09 17.95 3.64
CA GLY A 172 1.82 18.60 2.51
C GLY A 172 3.08 17.82 2.06
N GLN A 173 3.84 17.30 3.01
CA GLN A 173 5.07 16.52 2.73
C GLN A 173 4.71 15.26 1.96
N LEU A 174 3.69 14.49 2.39
CA LEU A 174 3.16 13.31 1.66
C LEU A 174 2.72 13.71 0.26
N GLN A 175 1.91 14.78 0.15
CA GLN A 175 1.41 15.23 -1.17
C GLN A 175 2.60 15.47 -2.13
N SER A 176 3.65 16.17 -1.68
CA SER A 176 4.86 16.45 -2.49
C SER A 176 5.51 15.18 -3.02
N TYR A 177 5.66 14.16 -2.21
CA TYR A 177 6.26 12.90 -2.69
C TYR A 177 5.36 12.29 -3.78
N LEU A 178 4.03 12.21 -3.57
CA LEU A 178 3.11 11.55 -4.53
C LEU A 178 3.13 12.32 -5.88
N GLN A 179 3.12 13.64 -5.82
CA GLN A 179 3.14 14.51 -7.02
C GLN A 179 4.42 14.26 -7.83
N ALA A 180 5.55 14.14 -7.14
CA ALA A 180 6.87 13.97 -7.76
C ALA A 180 6.91 12.63 -8.50
N VAL A 181 6.34 11.57 -7.91
CA VAL A 181 6.34 10.23 -8.57
C VAL A 181 5.40 10.24 -9.78
N TYR A 182 4.26 10.93 -9.69
CA TYR A 182 3.30 11.09 -10.81
C TYR A 182 3.99 11.88 -11.92
N ASN A 183 4.67 12.95 -11.55
CA ASN A 183 5.34 13.82 -12.55
C ASN A 183 6.45 13.07 -13.25
N ARG A 184 7.16 12.15 -12.58
CA ARG A 184 8.25 11.39 -13.23
C ARG A 184 7.71 10.33 -14.21
N TYR A 185 6.73 9.48 -13.87
CA TYR A 185 6.38 8.27 -14.65
C TYR A 185 4.98 8.39 -15.28
N HIS A 186 4.15 9.35 -14.88
CA HIS A 186 2.77 9.55 -15.40
C HIS A 186 1.99 8.25 -15.41
N ARG A 187 2.10 7.47 -14.34
CA ARG A 187 1.16 6.37 -14.01
C ARG A 187 0.30 6.79 -12.82
N PRO A 188 -0.98 6.35 -12.74
CA PRO A 188 -1.83 6.56 -11.57
C PRO A 188 -1.18 5.94 -10.33
N ILE A 189 -1.41 6.59 -9.20
CA ILE A 189 -0.71 6.32 -7.91
C ILE A 189 -1.64 5.57 -6.92
N TRP A 190 -1.16 4.48 -6.37
CA TRP A 190 -1.72 3.94 -5.09
C TRP A 190 -0.79 4.20 -3.90
N LEU A 191 -1.33 4.46 -2.71
CA LEU A 191 -0.50 4.57 -1.49
C LEU A 191 -0.83 3.37 -0.62
N THR A 192 -0.06 2.26 -0.73
CA THR A 192 -0.45 0.94 -0.12
C THR A 192 0.01 0.76 1.35
N GLU A 193 0.87 1.64 1.84
CA GLU A 193 1.24 1.78 3.28
C GLU A 193 1.46 3.26 3.57
N TYR A 194 0.77 3.83 4.56
CA TYR A 194 1.18 5.13 5.10
C TYR A 194 0.74 5.26 6.56
N ALA A 195 1.54 6.07 7.30
CA ALA A 195 1.34 6.44 8.72
C ALA A 195 2.34 7.54 9.07
N LEU A 196 2.22 8.12 10.26
CA LEU A 196 3.33 8.86 10.93
C LEU A 196 4.16 7.83 11.70
N THR A 197 5.45 7.69 11.31
CA THR A 197 6.44 6.92 12.08
C THR A 197 7.83 7.39 11.68
N ASP A 198 8.68 7.62 12.66
CA ASP A 198 10.08 8.05 12.47
C ASP A 198 10.92 6.81 12.73
N PHE A 199 11.55 6.27 11.69
CA PHE A 199 12.40 5.06 11.79
C PHE A 199 13.89 5.48 11.84
N SER A 200 14.16 6.79 11.88
CA SER A 200 15.55 7.31 11.70
C SER A 200 16.42 6.82 12.87
N GLY A 201 15.85 6.69 14.07
CA GLY A 201 16.55 6.32 15.31
C GLY A 201 16.69 4.83 15.46
N SER A 202 17.23 4.39 16.60
CA SER A 202 17.60 2.97 16.86
C SER A 202 16.31 2.13 17.00
N THR A 203 15.20 2.74 17.46
CA THR A 203 13.84 2.13 17.44
C THR A 203 12.81 3.11 16.88
N PRO A 204 11.63 2.60 16.52
CA PRO A 204 10.60 3.44 15.88
C PRO A 204 10.05 4.49 16.86
N ARG A 205 9.68 5.67 16.37
CA ARG A 205 9.10 6.76 17.18
C ARG A 205 7.70 7.07 16.59
N TYR A 206 6.67 7.13 17.43
CA TYR A 206 5.23 7.30 17.06
C TYR A 206 4.65 8.62 17.59
N PRO A 207 3.62 9.16 16.89
CA PRO A 207 2.93 10.39 17.32
C PRO A 207 2.04 10.12 18.54
N SER A 208 1.64 11.16 19.26
CA SER A 208 0.58 11.03 20.29
C SER A 208 -0.72 10.59 19.56
N ALA A 209 -1.70 10.05 20.29
CA ALA A 209 -3.01 9.61 19.73
C ALA A 209 -3.67 10.81 19.02
N ALA A 210 -3.69 11.95 19.66
CA ALA A 210 -4.34 13.16 19.08
C ALA A 210 -3.59 13.61 17.84
N GLU A 211 -2.26 13.59 17.84
CA GLU A 211 -1.49 13.91 16.61
C GLU A 211 -1.86 12.95 15.46
N GLN A 212 -1.93 11.65 15.74
CA GLN A 212 -2.26 10.64 14.74
C GLN A 212 -3.65 10.90 14.17
N ALA A 213 -4.67 11.14 14.99
CA ALA A 213 -6.07 11.30 14.53
C ALA A 213 -6.16 12.56 13.66
N ASP A 214 -5.43 13.62 14.00
CA ASP A 214 -5.50 14.87 13.18
C ASP A 214 -4.91 14.61 11.80
N PHE A 215 -3.84 13.82 11.72
CA PHE A 215 -3.17 13.45 10.44
C PHE A 215 -4.08 12.53 9.65
N VAL A 216 -4.80 11.61 10.32
CA VAL A 216 -5.76 10.74 9.57
C VAL A 216 -6.76 11.66 8.85
N SER A 217 -7.29 12.64 9.54
CA SER A 217 -8.35 13.50 8.97
C SER A 217 -7.78 14.29 7.78
N ARG A 218 -6.67 14.96 8.01
CA ARG A 218 -6.11 15.92 7.02
C ARG A 218 -5.56 15.12 5.84
N SER A 219 -4.94 13.96 6.08
CA SER A 219 -4.36 13.20 4.95
C SER A 219 -5.48 12.60 4.07
N THR A 220 -6.53 12.00 4.64
CA THR A 220 -7.64 11.43 3.82
C THR A 220 -8.33 12.53 3.02
N ALA A 221 -8.63 13.68 3.64
CA ALA A 221 -9.23 14.80 2.87
C ALA A 221 -8.31 15.09 1.69
N MET A 222 -7.00 15.22 1.92
CA MET A 222 -6.07 15.54 0.80
C MET A 222 -6.14 14.45 -0.28
N LEU A 223 -6.06 13.18 0.11
CA LEU A 223 -5.95 12.08 -0.88
C LEU A 223 -7.26 11.91 -1.68
N ASN A 224 -8.43 12.04 -1.03
CA ASN A 224 -9.76 11.89 -1.66
C ASN A 224 -9.89 12.90 -2.81
N GLY A 225 -9.25 14.08 -2.66
CA GLY A 225 -9.32 15.16 -3.67
C GLY A 225 -8.20 15.13 -4.72
N LEU A 226 -7.19 14.25 -4.61
CA LEU A 226 -6.03 14.27 -5.57
C LEU A 226 -6.29 13.30 -6.73
N SER A 227 -6.62 13.83 -7.91
CA SER A 227 -7.23 13.05 -9.04
C SER A 227 -6.32 11.90 -9.51
N PHE A 228 -4.97 12.00 -9.41
CA PHE A 228 -4.08 10.91 -9.88
C PHE A 228 -3.84 9.84 -8.80
N VAL A 229 -4.36 10.00 -7.57
CA VAL A 229 -4.36 8.90 -6.56
C VAL A 229 -5.66 8.11 -6.70
N GLU A 230 -5.57 6.82 -7.01
CA GLU A 230 -6.71 5.91 -7.29
C GLU A 230 -7.15 5.29 -5.95
N ARG A 231 -6.20 4.97 -5.07
CA ARG A 231 -6.44 4.14 -3.85
C ARG A 231 -5.39 4.44 -2.77
N TYR A 232 -5.76 4.26 -1.50
CA TYR A 232 -4.88 4.43 -0.33
C TYR A 232 -5.27 3.44 0.78
N ALA A 233 -4.29 3.04 1.58
CA ALA A 233 -4.37 2.04 2.66
C ALA A 233 -3.48 2.47 3.85
N TRP A 234 -4.11 3.06 4.89
CA TRP A 234 -3.49 3.27 6.20
C TRP A 234 -2.80 1.97 6.65
N PHE A 235 -1.57 2.06 7.15
CA PHE A 235 -0.84 0.96 7.84
C PHE A 235 -1.11 1.12 9.34
N SER A 236 -2.00 0.32 9.94
CA SER A 236 -2.71 -0.82 9.39
C SER A 236 -4.08 -0.96 10.12
N LEU A 237 -4.90 -1.93 9.76
CA LEU A 237 -6.25 -2.00 10.37
C LEU A 237 -6.14 -2.15 11.89
N SER A 238 -5.31 -3.09 12.36
CA SER A 238 -5.35 -3.61 13.74
C SER A 238 -4.05 -3.26 14.52
N THR A 239 -4.22 -2.81 15.76
CA THR A 239 -3.10 -2.62 16.72
C THR A 239 -2.36 -3.95 16.95
N SER A 240 -2.96 -5.11 16.72
CA SER A 240 -2.21 -6.39 16.84
C SER A 240 -1.17 -6.53 15.69
N THR A 241 -1.11 -5.63 14.72
CA THR A 241 -0.10 -5.58 13.62
C THR A 241 0.94 -4.50 13.99
N THR A 242 0.50 -3.35 14.50
CA THR A 242 1.31 -2.12 14.62
C THR A 242 0.70 -1.16 15.64
N PRO A 243 1.52 -0.44 16.40
CA PRO A 243 1.03 0.58 17.31
C PRO A 243 0.31 1.73 16.59
N THR A 244 0.44 1.86 15.27
CA THR A 244 -0.37 2.82 14.48
C THR A 244 -1.72 2.20 14.07
N GLY A 245 -2.14 1.08 14.66
CA GLY A 245 -3.42 0.39 14.34
C GLY A 245 -4.65 1.30 14.55
N LEU A 246 -5.72 1.08 13.78
CA LEU A 246 -6.99 1.91 13.86
C LEU A 246 -8.03 1.29 14.78
N TYR A 247 -7.96 -0.02 14.95
CA TYR A 247 -8.96 -0.84 15.70
C TYR A 247 -8.19 -1.77 16.64
N THR A 248 -8.68 -1.95 17.87
CA THR A 248 -8.36 -3.12 18.72
C THR A 248 -9.61 -4.00 18.80
N GLY A 249 -9.52 -5.21 18.27
CA GLY A 249 -10.66 -6.11 18.04
C GLY A 249 -11.67 -5.41 17.15
N THR A 250 -12.91 -5.21 17.61
CA THR A 250 -13.92 -4.48 16.79
C THR A 250 -14.10 -3.07 17.33
N THR A 251 -13.22 -2.57 18.20
CA THR A 251 -13.35 -1.19 18.76
C THR A 251 -12.38 -0.23 18.09
N PRO A 252 -12.86 0.81 17.40
CA PRO A 252 -11.96 1.81 16.82
C PRO A 252 -11.44 2.77 17.89
N ASN A 253 -10.17 3.21 17.79
CA ASN A 253 -9.63 4.30 18.62
C ASN A 253 -9.93 5.58 17.88
N SER A 254 -9.42 6.71 18.35
CA SER A 254 -9.78 8.02 17.75
C SER A 254 -9.33 8.05 16.28
N SER A 255 -8.25 7.35 15.94
CA SER A 255 -7.77 7.24 14.54
C SER A 255 -8.74 6.39 13.70
N GLY A 256 -9.20 5.21 14.18
CA GLY A 256 -10.25 4.44 13.49
C GLY A 256 -11.51 5.28 13.26
N VAL A 257 -11.91 6.09 14.25
CA VAL A 257 -13.10 7.00 14.13
C VAL A 257 -12.89 7.99 12.98
N ALA A 258 -11.72 8.59 12.95
CA ALA A 258 -11.34 9.55 11.89
C ALA A 258 -11.33 8.82 10.53
N TYR A 259 -10.86 7.57 10.44
CA TYR A 259 -10.73 6.87 9.13
C TYR A 259 -12.15 6.52 8.63
N ARG A 260 -13.00 6.08 9.53
CA ARG A 260 -14.41 5.70 9.25
C ARG A 260 -15.15 6.95 8.74
N ALA A 261 -14.87 8.12 9.28
CA ALA A 261 -15.59 9.33 8.86
C ALA A 261 -15.04 9.86 7.53
N ALA A 262 -13.85 9.46 7.09
CA ALA A 262 -13.35 9.86 5.75
C ALA A 262 -14.32 9.39 4.66
N GLY A 263 -14.41 10.17 3.59
CA GLY A 263 -15.24 9.82 2.41
C GLY A 263 -14.86 8.44 1.87
C2 BGC B . 6.91 -3.30 5.18
C3 BGC B . 6.09 -4.03 6.25
C4 BGC B . 6.51 -3.50 7.66
C5 BGC B . 6.56 -1.94 7.66
C6 BGC B . 6.67 -1.21 9.01
C1 BGC B . 7.18 -1.77 5.45
O1 BGC B . 8.20 -1.22 4.64
O2 BGC B . 6.32 -3.51 3.90
O3 BGC B . 6.29 -5.47 6.14
O4 BGC B . 5.74 -4.05 8.78
O5 BGC B . 7.66 -1.60 6.81
O6 BGC B . 7.90 -1.60 9.65
C2 BGC B . 5.59 -7.68 5.81
C3 BGC B . 4.39 -8.65 5.87
C4 BGC B . 3.59 -8.46 7.18
C5 BGC B . 3.26 -6.99 7.43
C6 BGC B . 2.52 -6.80 8.75
C1 BGC B . 5.13 -6.26 6.17
O2 BGC B . 6.19 -7.72 4.49
O3 BGC B . 5.04 -9.94 5.87
O4 BGC B . 2.38 -9.31 7.23
O5 BGC B . 4.48 -6.25 7.43
O6 BGC B . 3.23 -7.51 9.75
C2 BGC B . 5.61 -11.96 4.62
C3 BGC B . 4.92 -12.99 3.71
C4 BGC B . 3.48 -13.39 4.15
C5 BGC B . 2.67 -12.10 4.34
C6 BGC B . 1.24 -12.30 4.85
C1 BGC B . 4.60 -10.79 4.83
O2 BGC B . 6.72 -11.45 3.95
O3 BGC B . 5.69 -14.19 3.56
O4 BGC B . 2.96 -14.15 3.04
O5 BGC B . 3.31 -11.23 5.25
O6 BGC B . 1.35 -13.09 5.98
C2 BGC B . 7.99 -14.64 3.16
C3 BGC B . 9.04 -15.00 2.03
C4 BGC B . 8.43 -15.99 1.00
C5 BGC B . 7.04 -15.49 0.52
C6 BGC B . 6.32 -16.55 -0.31
C1 BGC B . 6.64 -14.19 2.54
O2 BGC B . 8.46 -13.61 4.05
O3 BGC B . 10.25 -15.54 2.63
O4 BGC B . 9.32 -16.17 -0.11
O5 BGC B . 6.15 -15.13 1.63
O6 BGC B . 5.14 -16.08 -1.02
C2 BGC B . 12.41 -15.18 3.74
C3 BGC B . 13.61 -14.24 3.94
C4 BGC B . 14.10 -13.58 2.67
C5 BGC B . 12.85 -13.06 1.92
C6 BGC B . 13.31 -12.31 0.67
C1 BGC B . 11.33 -14.60 2.83
O2 BGC B . 11.89 -15.32 5.07
O3 BGC B . 14.67 -14.95 4.58
O4 BGC B . 15.05 -12.55 3.05
O5 BGC B . 11.97 -14.19 1.61
O6 BGC B . 13.51 -13.36 -0.28
ZN ZN C . 18.49 -10.92 -16.51
#